data_3W9S
#
_entry.id   3W9S
#
_cell.length_a   49.994
_cell.length_b   49.994
_cell.length_c   145.859
_cell.angle_alpha   90.00
_cell.angle_beta   90.00
_cell.angle_gamma   90.00
#
_symmetry.space_group_name_H-M   'P 41'
#
loop_
_entity.id
_entity.type
_entity.pdbx_description
1 polymer 'OmpR family response regulator in two-component regulatory system with BasS'
2 non-polymer 'BERYLLIUM TRIFLUORIDE ION'
3 non-polymer 'MAGNESIUM ION'
4 water water
#
_entity_poly.entity_id   1
_entity_poly.type   'polypeptide(L)'
_entity_poly.pdbx_seq_one_letter_code
;MKILVIEDDALLLQGLILAMQSEGYVCDGVSTAHEAALSLASNHYSLIVLDLGLPDEDGLHFLSRMRREKMTQPVLILTA
RDTLEDRISGLDTGADDYLVKPFALEELNARIRALLRRHNNQGLEHHHHHH
;
_entity_poly.pdbx_strand_id   A,B
#
# COMPACT_ATOMS: atom_id res chain seq x y z
N LYS A 2 -16.90 8.77 1.32
CA LYS A 2 -17.68 7.92 0.43
C LYS A 2 -16.78 7.01 -0.41
N ILE A 3 -17.07 5.71 -0.38
CA ILE A 3 -16.24 4.71 -1.07
C ILE A 3 -17.04 4.05 -2.19
N LEU A 4 -16.39 3.84 -3.33
CA LEU A 4 -17.00 3.07 -4.42
C LEU A 4 -16.31 1.71 -4.49
N VAL A 5 -17.10 0.64 -4.41
CA VAL A 5 -16.59 -0.71 -4.54
C VAL A 5 -17.05 -1.30 -5.86
N ILE A 6 -16.11 -1.77 -6.66
CA ILE A 6 -16.40 -2.33 -7.98
C ILE A 6 -16.03 -3.81 -7.92
N GLU A 7 -17.03 -4.68 -7.93
CA GLU A 7 -16.80 -6.11 -7.71
C GLU A 7 -17.99 -6.87 -8.31
N ASP A 8 -17.72 -7.84 -9.17
CA ASP A 8 -18.81 -8.50 -9.89
C ASP A 8 -19.46 -9.68 -9.15
N ASP A 9 -18.78 -10.24 -8.15
CA ASP A 9 -19.41 -11.28 -7.35
C ASP A 9 -20.37 -10.65 -6.36
N ALA A 10 -21.67 -10.92 -6.53
CA ALA A 10 -22.69 -10.21 -5.75
C ALA A 10 -22.60 -10.49 -4.26
N LEU A 11 -22.38 -11.76 -3.89
CA LEU A 11 -22.31 -12.09 -2.47
C LEU A 11 -21.14 -11.39 -1.82
N LEU A 12 -19.99 -11.38 -2.49
CA LEU A 12 -18.83 -10.66 -1.96
C LEU A 12 -19.08 -9.16 -1.92
N LEU A 13 -19.59 -8.61 -3.01
CA LEU A 13 -19.86 -7.17 -3.08
C LEU A 13 -20.74 -6.70 -1.92
N GLN A 14 -21.85 -7.40 -1.65
CA GLN A 14 -22.75 -6.99 -0.59
C GLN A 14 -22.06 -6.97 0.77
N GLY A 15 -21.19 -7.96 1.01
CA GLY A 15 -20.46 -8.03 2.25
C GLY A 15 -19.46 -6.90 2.38
N LEU A 16 -18.83 -6.53 1.25
CA LEU A 16 -17.88 -5.41 1.25
C LEU A 16 -18.58 -4.09 1.57
N ILE A 17 -19.77 -3.87 1.01
CA ILE A 17 -20.54 -2.68 1.33
C ILE A 17 -20.85 -2.61 2.82
N LEU A 18 -21.35 -3.72 3.38
CA LEU A 18 -21.65 -3.80 4.80
C LEU A 18 -20.41 -3.47 5.64
N ALA A 19 -19.25 -4.00 5.22
CA ALA A 19 -18.00 -3.72 5.92
C ALA A 19 -17.63 -2.24 5.91
N MET A 20 -17.75 -1.60 4.75
CA MET A 20 -17.41 -0.19 4.65
C MET A 20 -18.36 0.65 5.51
N GLN A 21 -19.64 0.29 5.48
CA GLN A 21 -20.63 0.99 6.32
C GLN A 21 -20.33 0.80 7.80
N SER A 22 -19.89 -0.40 8.17
CA SER A 22 -19.51 -0.67 9.56
C SER A 22 -18.35 0.22 9.99
N GLU A 23 -17.46 0.54 9.05
CA GLU A 23 -16.32 1.40 9.32
C GLU A 23 -16.73 2.87 9.36
N GLY A 24 -17.99 3.15 9.07
CA GLY A 24 -18.51 4.51 9.14
C GLY A 24 -18.44 5.28 7.82
N TYR A 25 -18.22 4.57 6.74
CA TYR A 25 -18.19 5.21 5.43
C TYR A 25 -19.55 5.12 4.76
N VAL A 26 -19.85 6.07 3.88
CA VAL A 26 -20.94 5.88 2.94
C VAL A 26 -20.37 5.04 1.81
N CYS A 27 -21.09 4.04 1.34
CA CYS A 27 -20.52 3.15 0.35
C CYS A 27 -21.51 2.73 -0.72
N ASP A 28 -21.12 2.88 -1.97
CA ASP A 28 -21.89 2.38 -3.10
C ASP A 28 -21.12 1.23 -3.73
N GLY A 29 -21.85 0.20 -4.11
CA GLY A 29 -21.25 -0.94 -4.79
C GLY A 29 -21.82 -1.10 -6.18
N VAL A 30 -20.94 -1.39 -7.13
CA VAL A 30 -21.33 -1.62 -8.52
C VAL A 30 -20.64 -2.87 -9.05
N SER A 31 -21.20 -3.48 -10.09
CA SER A 31 -20.73 -4.80 -10.51
C SER A 31 -20.00 -4.81 -11.86
N THR A 32 -19.90 -3.65 -12.50
CA THR A 32 -19.25 -3.57 -13.81
C THR A 32 -18.52 -2.25 -13.93
N ALA A 33 -17.59 -2.18 -14.88
CA ALA A 33 -16.89 -0.93 -15.16
C ALA A 33 -17.87 0.11 -15.72
N HIS A 34 -18.85 -0.37 -16.47
CA HIS A 34 -19.90 0.50 -17.02
C HIS A 34 -20.66 1.20 -15.90
N GLU A 35 -21.15 0.42 -14.94
CA GLU A 35 -21.88 1.01 -13.83
C GLU A 35 -20.99 1.93 -13.00
N ALA A 36 -19.73 1.55 -12.85
CA ALA A 36 -18.78 2.42 -12.15
C ALA A 36 -18.69 3.78 -12.82
N ALA A 37 -18.62 3.79 -14.15
CA ALA A 37 -18.52 5.07 -14.87
C ALA A 37 -19.78 5.91 -14.65
N LEU A 38 -20.95 5.26 -14.64
CA LEU A 38 -22.18 5.99 -14.38
C LEU A 38 -22.18 6.60 -12.98
N SER A 39 -21.68 5.83 -12.01
CA SER A 39 -21.69 6.28 -10.62
C SER A 39 -20.66 7.38 -10.40
N LEU A 40 -19.51 7.26 -11.04
CA LEU A 40 -18.46 8.27 -10.91
C LEU A 40 -18.92 9.60 -11.49
N ALA A 41 -19.79 9.56 -12.49
CA ALA A 41 -20.29 10.80 -13.08
C ALA A 41 -21.34 11.46 -12.19
N SER A 42 -22.05 10.65 -11.40
CA SER A 42 -23.17 11.15 -10.62
C SER A 42 -22.84 11.41 -9.15
N ASN A 43 -21.71 10.88 -8.68
CA ASN A 43 -21.32 11.05 -7.28
C ASN A 43 -19.84 11.33 -7.13
N HIS A 44 -19.44 11.88 -6.00
CA HIS A 44 -18.03 12.03 -5.69
C HIS A 44 -17.55 10.98 -4.70
N TYR A 45 -16.52 10.23 -5.06
CA TYR A 45 -15.96 9.20 -4.19
C TYR A 45 -14.55 9.58 -3.74
N SER A 46 -14.22 9.26 -2.49
CA SER A 46 -12.92 9.57 -1.93
C SER A 46 -11.94 8.43 -2.13
N LEU A 47 -12.45 7.24 -2.42
CA LEU A 47 -11.58 6.07 -2.60
C LEU A 47 -12.35 5.02 -3.41
N ILE A 48 -11.62 4.29 -4.24
CA ILE A 48 -12.22 3.26 -5.07
C ILE A 48 -11.56 1.91 -4.78
N VAL A 49 -12.38 0.89 -4.54
CA VAL A 49 -11.90 -0.47 -4.38
C VAL A 49 -12.25 -1.21 -5.67
N LEU A 50 -11.25 -1.77 -6.33
CA LEU A 50 -11.40 -2.24 -7.70
C LEU A 50 -11.01 -3.70 -7.92
N ASP A 51 -12.00 -4.52 -8.27
CA ASP A 51 -11.77 -5.90 -8.71
C ASP A 51 -11.33 -5.86 -10.19
N LEU A 52 -10.50 -6.81 -10.60
CA LEU A 52 -9.98 -6.81 -11.98
C LEU A 52 -10.81 -7.67 -12.95
N GLY A 53 -11.23 -8.85 -12.52
CA GLY A 53 -12.06 -9.70 -13.35
C GLY A 53 -13.49 -9.21 -13.36
N LEU A 54 -13.87 -8.50 -14.42
CA LEU A 54 -15.22 -7.92 -14.53
C LEU A 54 -15.80 -8.32 -15.88
N PRO A 55 -17.14 -8.36 -15.98
CA PRO A 55 -17.80 -8.88 -17.19
C PRO A 55 -17.53 -8.13 -18.49
N ASP A 56 -17.45 -6.80 -18.46
CA ASP A 56 -17.47 -6.09 -19.74
C ASP A 56 -16.16 -5.40 -20.11
N GLU A 57 -15.38 -5.06 -19.11
CA GLU A 57 -14.10 -4.44 -19.35
C GLU A 57 -13.21 -4.87 -18.21
N ASP A 58 -11.98 -5.28 -18.53
CA ASP A 58 -11.04 -5.65 -17.49
C ASP A 58 -10.77 -4.47 -16.57
N GLY A 59 -10.76 -4.71 -15.26
CA GLY A 59 -10.54 -3.65 -14.28
C GLY A 59 -9.23 -2.92 -14.47
N LEU A 60 -8.20 -3.62 -14.95
CA LEU A 60 -6.92 -2.97 -15.18
C LEU A 60 -7.02 -1.97 -16.33
N HIS A 61 -7.75 -2.34 -17.38
CA HIS A 61 -8.01 -1.42 -18.48
C HIS A 61 -8.82 -0.22 -18.00
N PHE A 62 -9.81 -0.47 -17.16
CA PHE A 62 -10.65 0.60 -16.65
C PHE A 62 -9.81 1.56 -15.79
N LEU A 63 -8.92 1.00 -14.99
CA LEU A 63 -8.05 1.84 -14.15
C LEU A 63 -7.19 2.74 -15.03
N SER A 64 -6.66 2.18 -16.12
CA SER A 64 -5.85 2.97 -17.05
C SER A 64 -6.66 4.15 -17.56
N ARG A 65 -7.92 3.89 -17.91
CA ARG A 65 -8.78 4.97 -18.38
C ARG A 65 -9.05 6.02 -17.31
N MET A 66 -9.31 5.58 -16.08
CA MET A 66 -9.50 6.51 -14.97
C MET A 66 -8.32 7.43 -14.77
N ARG A 67 -7.11 6.87 -14.80
CA ARG A 67 -5.92 7.69 -14.57
C ARG A 67 -5.68 8.62 -15.76
N ARG A 68 -5.98 8.15 -16.96
CA ARG A 68 -5.83 8.98 -18.16
C ARG A 68 -6.78 10.18 -18.12
N GLU A 69 -7.92 10.00 -17.46
CA GLU A 69 -8.87 11.10 -17.29
C GLU A 69 -8.50 11.95 -16.08
N LYS A 70 -7.28 11.74 -15.58
CA LYS A 70 -6.70 12.50 -14.49
C LYS A 70 -7.49 12.41 -13.19
N MET A 71 -8.15 11.28 -12.97
CA MET A 71 -8.80 11.04 -11.71
C MET A 71 -7.71 10.66 -10.69
N THR A 72 -7.79 11.25 -9.50
CA THR A 72 -6.69 11.12 -8.55
C THR A 72 -7.07 10.40 -7.26
N GLN A 73 -8.28 9.85 -7.22
CA GLN A 73 -8.73 9.08 -6.06
C GLN A 73 -7.77 7.93 -5.78
N PRO A 74 -7.50 7.67 -4.49
CA PRO A 74 -6.80 6.43 -4.14
C PRO A 74 -7.59 5.25 -4.67
N VAL A 75 -6.88 4.29 -5.26
CA VAL A 75 -7.49 3.07 -5.75
C VAL A 75 -6.79 1.88 -5.11
N LEU A 76 -7.57 1.01 -4.49
CA LEU A 76 -7.02 -0.24 -3.97
C LEU A 76 -7.55 -1.37 -4.85
N ILE A 77 -6.66 -2.09 -5.50
CA ILE A 77 -7.05 -3.24 -6.31
C ILE A 77 -7.23 -4.44 -5.38
N LEU A 78 -8.35 -5.15 -5.56
CA LEU A 78 -8.73 -6.26 -4.70
C LEU A 78 -9.13 -7.41 -5.62
N THR A 79 -8.28 -8.42 -5.76
CA THR A 79 -8.39 -9.29 -6.92
C THR A 79 -7.86 -10.70 -6.70
N ALA A 80 -8.44 -11.67 -7.41
CA ALA A 80 -7.91 -13.03 -7.46
C ALA A 80 -6.65 -13.15 -8.30
N ARG A 81 -6.34 -12.14 -9.11
CA ARG A 81 -5.13 -12.17 -9.93
C ARG A 81 -3.90 -11.97 -9.05
N ASP A 82 -3.18 -13.05 -8.79
CA ASP A 82 -2.17 -13.01 -7.73
C ASP A 82 -0.71 -13.17 -8.12
N THR A 83 -0.39 -13.23 -9.41
CA THR A 83 1.00 -13.39 -9.82
C THR A 83 1.81 -12.13 -9.56
N LEU A 84 3.13 -12.29 -9.48
CA LEU A 84 4.02 -11.15 -9.31
C LEU A 84 3.83 -10.11 -10.40
N GLU A 85 3.76 -10.55 -11.66
CA GLU A 85 3.52 -9.66 -12.78
C GLU A 85 2.20 -8.91 -12.64
N ASP A 86 1.17 -9.60 -12.16
CA ASP A 86 -0.14 -8.97 -11.93
C ASP A 86 -0.03 -7.82 -10.93
N ARG A 87 0.63 -8.08 -9.80
CA ARG A 87 0.77 -7.07 -8.75
C ARG A 87 1.52 -5.85 -9.25
N ILE A 88 2.64 -6.08 -9.92
CA ILE A 88 3.45 -4.98 -10.43
C ILE A 88 2.67 -4.18 -11.48
N SER A 89 2.01 -4.90 -12.38
CA SER A 89 1.21 -4.26 -13.41
C SER A 89 0.11 -3.38 -12.82
N GLY A 90 -0.56 -3.89 -11.79
CA GLY A 90 -1.62 -3.13 -11.15
C GLY A 90 -1.12 -1.84 -10.53
N LEU A 91 -0.02 -1.93 -9.81
CA LEU A 91 0.57 -0.76 -9.18
C LEU A 91 1.05 0.25 -10.24
N ASP A 92 1.77 -0.23 -11.24
CA ASP A 92 2.31 0.65 -12.27
C ASP A 92 1.23 1.31 -13.14
N THR A 93 0.07 0.66 -13.26
CA THR A 93 -1.07 1.22 -13.98
C THR A 93 -1.71 2.37 -13.21
N GLY A 94 -1.41 2.47 -11.92
CA GLY A 94 -1.93 3.58 -11.14
C GLY A 94 -2.64 3.23 -9.85
N ALA A 95 -2.59 1.96 -9.44
CA ALA A 95 -3.22 1.59 -8.17
C ALA A 95 -2.31 1.98 -7.02
N ASP A 96 -2.90 2.34 -5.89
CA ASP A 96 -2.12 2.76 -4.72
C ASP A 96 -1.80 1.58 -3.81
N ASP A 97 -2.59 0.52 -3.92
CA ASP A 97 -2.33 -0.71 -3.18
C ASP A 97 -2.97 -1.84 -3.97
N TYR A 98 -2.60 -3.06 -3.64
CA TYR A 98 -3.01 -4.23 -4.41
C TYR A 98 -3.09 -5.35 -3.40
N LEU A 99 -4.31 -5.85 -3.16
CA LEU A 99 -4.52 -6.87 -2.14
C LEU A 99 -5.15 -8.08 -2.80
N VAL A 100 -4.50 -9.23 -2.64
CA VAL A 100 -4.92 -10.45 -3.32
C VAL A 100 -5.99 -11.23 -2.55
N LYS A 101 -6.95 -11.81 -3.28
CA LYS A 101 -7.93 -12.73 -2.69
C LYS A 101 -7.33 -14.12 -2.56
N PRO A 102 -7.67 -14.85 -1.47
CA PRO A 102 -8.52 -14.41 -0.36
C PRO A 102 -7.77 -13.51 0.61
N PHE A 103 -8.50 -12.63 1.29
CA PHE A 103 -7.93 -11.66 2.18
C PHE A 103 -8.85 -11.49 3.38
N ALA A 104 -8.30 -10.99 4.47
CA ALA A 104 -9.08 -10.72 5.67
C ALA A 104 -9.71 -9.34 5.58
N LEU A 105 -10.99 -9.25 5.95
CA LEU A 105 -11.71 -7.98 5.94
C LEU A 105 -10.96 -6.94 6.75
N GLU A 106 -10.42 -7.33 7.89
CA GLU A 106 -9.77 -6.35 8.74
C GLU A 106 -8.47 -5.82 8.14
N GLU A 107 -7.82 -6.60 7.28
CA GLU A 107 -6.65 -6.04 6.57
C GLU A 107 -7.08 -5.05 5.50
N LEU A 108 -8.16 -5.37 4.79
CA LEU A 108 -8.74 -4.42 3.85
C LEU A 108 -9.07 -3.12 4.57
N ASN A 109 -9.72 -3.22 5.73
CA ASN A 109 -10.07 -2.04 6.49
C ASN A 109 -8.84 -1.21 6.86
N ALA A 110 -7.78 -1.88 7.29
CA ALA A 110 -6.58 -1.18 7.72
C ALA A 110 -5.87 -0.51 6.55
N ARG A 111 -5.88 -1.18 5.40
CA ARG A 111 -5.25 -0.62 4.21
C ARG A 111 -6.03 0.58 3.67
N ILE A 112 -7.36 0.52 3.77
CA ILE A 112 -8.18 1.66 3.39
C ILE A 112 -7.92 2.83 4.34
N ARG A 113 -7.81 2.56 5.64
CA ARG A 113 -7.46 3.61 6.59
C ARG A 113 -6.11 4.25 6.24
N ALA A 114 -5.13 3.43 5.90
CA ALA A 114 -3.80 3.93 5.55
C ALA A 114 -3.87 4.83 4.32
N LEU A 115 -4.62 4.40 3.30
CA LEU A 115 -4.73 5.18 2.07
C LEU A 115 -5.38 6.52 2.31
N LEU A 116 -6.39 6.54 3.18
CA LEU A 116 -7.13 7.76 3.44
C LEU A 116 -6.32 8.74 4.30
N ARG A 117 -5.36 8.22 5.05
CA ARG A 117 -4.37 9.07 5.71
C ARG A 117 -3.45 9.71 4.68
N LYS B 2 15.63 10.66 -2.03
CA LYS B 2 16.52 10.03 -1.05
C LYS B 2 15.74 9.06 -0.17
N ILE B 3 16.18 7.81 -0.11
CA ILE B 3 15.50 6.75 0.63
C ILE B 3 16.36 6.34 1.80
N LEU B 4 15.74 6.14 2.97
CA LEU B 4 16.46 5.55 4.10
C LEU B 4 15.94 4.13 4.30
N VAL B 5 16.86 3.16 4.30
CA VAL B 5 16.49 1.76 4.53
C VAL B 5 17.02 1.35 5.89
N ILE B 6 16.15 0.82 6.74
CA ILE B 6 16.51 0.41 8.09
C ILE B 6 16.32 -1.09 8.15
N GLU B 7 17.42 -1.82 8.24
CA GLU B 7 17.39 -3.29 8.13
C GLU B 7 18.64 -3.84 8.78
N ASP B 8 18.50 -4.77 9.71
CA ASP B 8 19.66 -5.23 10.47
C ASP B 8 20.45 -6.37 9.83
N ASP B 9 19.85 -7.08 8.88
CA ASP B 9 20.62 -8.09 8.16
C ASP B 9 21.50 -7.41 7.12
N ALA B 10 22.82 -7.51 7.29
CA ALA B 10 23.74 -6.75 6.46
C ALA B 10 23.70 -7.15 4.99
N LEU B 11 23.67 -8.45 4.72
CA LEU B 11 23.61 -8.93 3.35
C LEU B 11 22.38 -8.40 2.64
N LEU B 12 21.23 -8.49 3.31
CA LEU B 12 19.99 -7.99 2.72
C LEU B 12 20.06 -6.47 2.58
N LEU B 13 20.49 -5.79 3.63
CA LEU B 13 20.57 -4.32 3.59
C LEU B 13 21.39 -3.83 2.40
N GLN B 14 22.57 -4.41 2.18
CA GLN B 14 23.43 -3.99 1.08
C GLN B 14 22.74 -4.17 -0.27
N GLY B 15 22.03 -5.27 -0.44
CA GLY B 15 21.32 -5.52 -1.68
C GLY B 15 20.18 -4.53 -1.88
N LEU B 16 19.50 -4.15 -0.80
CA LEU B 16 18.43 -3.17 -0.88
C LEU B 16 18.94 -1.80 -1.30
N ILE B 17 20.10 -1.39 -0.77
CA ILE B 17 20.70 -0.14 -1.18
C ILE B 17 21.00 -0.16 -2.68
N LEU B 18 21.63 -1.24 -3.14
CA LEU B 18 21.95 -1.39 -4.56
C LEU B 18 20.69 -1.30 -5.42
N ALA B 19 19.61 -1.91 -4.94
CA ALA B 19 18.34 -1.87 -5.67
C ALA B 19 17.78 -0.46 -5.77
N MET B 20 17.81 0.29 -4.67
CA MET B 20 17.30 1.65 -4.69
C MET B 20 18.15 2.51 -5.62
N GLN B 21 19.47 2.29 -5.58
CA GLN B 21 20.36 3.07 -6.43
C GLN B 21 20.10 2.74 -7.90
N SER B 22 19.81 1.47 -8.19
CA SER B 22 19.46 1.05 -9.54
C SER B 22 18.18 1.75 -10.04
N GLU B 23 17.27 2.04 -9.12
CA GLU B 23 16.03 2.72 -9.46
C GLU B 23 16.23 4.22 -9.60
N GLY B 24 17.45 4.68 -9.35
CA GLY B 24 17.76 6.09 -9.53
C GLY B 24 17.61 6.94 -8.28
N TYR B 25 17.48 6.29 -7.13
CA TYR B 25 17.38 7.02 -5.87
C TYR B 25 18.75 7.15 -5.24
N VAL B 26 18.91 8.19 -4.42
CA VAL B 26 20.03 8.22 -3.48
C VAL B 26 19.55 7.41 -2.28
N CYS B 27 20.41 6.56 -1.73
CA CYS B 27 19.95 5.68 -0.67
C CYS B 27 20.98 5.48 0.42
N ASP B 28 20.56 5.71 1.66
CA ASP B 28 21.39 5.39 2.82
C ASP B 28 20.76 4.22 3.55
N GLY B 29 21.61 3.30 3.99
CA GLY B 29 21.16 2.16 4.76
C GLY B 29 21.74 2.18 6.16
N VAL B 30 20.90 1.86 7.13
CA VAL B 30 21.30 1.80 8.54
C VAL B 30 20.76 0.53 9.18
N SER B 31 21.39 0.07 10.26
CA SER B 31 21.09 -1.25 10.80
C SER B 31 20.38 -1.25 12.15
N THR B 32 20.14 -0.07 12.71
CA THR B 32 19.47 0.04 14.01
C THR B 32 18.57 1.26 14.04
N ALA B 33 17.63 1.26 14.99
CA ALA B 33 16.78 2.43 15.18
C ALA B 33 17.62 3.63 15.61
N HIS B 34 18.65 3.36 16.40
CA HIS B 34 19.56 4.40 16.87
C HIS B 34 20.25 5.10 15.71
N GLU B 35 20.83 4.32 14.81
CA GLU B 35 21.49 4.90 13.65
C GLU B 35 20.50 5.63 12.75
N ALA B 36 19.29 5.09 12.63
CA ALA B 36 18.22 5.75 11.88
C ALA B 36 17.97 7.15 12.42
N ALA B 37 17.88 7.28 13.74
CA ALA B 37 17.62 8.59 14.34
C ALA B 37 18.78 9.55 14.05
N LEU B 38 20.01 9.04 14.10
CA LEU B 38 21.15 9.89 13.77
C LEU B 38 21.07 10.37 12.32
N SER B 39 20.69 9.47 11.42
CA SER B 39 20.63 9.81 10.01
C SER B 39 19.48 10.75 9.70
N LEU B 40 18.35 10.52 10.37
CA LEU B 40 17.18 11.38 10.15
C LEU B 40 17.45 12.81 10.62
N ALA B 41 18.33 12.96 11.61
CA ALA B 41 18.67 14.28 12.10
C ALA B 41 19.63 15.01 11.17
N SER B 42 20.43 14.27 10.42
CA SER B 42 21.48 14.86 9.61
C SER B 42 21.13 14.94 8.13
N ASN B 43 20.10 14.22 7.72
CA ASN B 43 19.68 14.22 6.32
C ASN B 43 18.17 14.29 6.15
N HIS B 44 17.73 14.66 4.96
CA HIS B 44 16.31 14.64 4.65
C HIS B 44 15.97 13.47 3.74
N TYR B 45 15.02 12.64 4.16
CA TYR B 45 14.61 11.48 3.37
C TYR B 45 13.18 11.63 2.90
N SER B 46 12.90 11.14 1.70
CA SER B 46 11.58 11.23 1.10
C SER B 46 10.74 10.00 1.40
N LEU B 47 11.40 8.91 1.77
CA LEU B 47 10.70 7.66 2.06
C LEU B 47 11.59 6.80 2.95
N ILE B 48 10.97 6.06 3.87
CA ILE B 48 11.68 5.19 4.78
C ILE B 48 11.20 3.75 4.60
N VAL B 49 12.14 2.82 4.43
CA VAL B 49 11.81 1.39 4.38
C VAL B 49 12.26 0.82 5.71
N LEU B 50 11.34 0.16 6.42
CA LEU B 50 11.53 -0.16 7.83
C LEU B 50 11.33 -1.64 8.16
N ASP B 51 12.41 -2.29 8.58
CA ASP B 51 12.37 -3.63 9.15
C ASP B 51 11.90 -3.52 10.61
N LEU B 52 11.21 -4.55 11.10
CA LEU B 52 10.69 -4.49 12.47
C LEU B 52 11.60 -5.15 13.50
N GLY B 53 12.19 -6.29 13.16
CA GLY B 53 13.10 -6.97 14.06
C GLY B 53 14.47 -6.30 14.03
N LEU B 54 14.74 -5.47 15.02
CA LEU B 54 15.99 -4.71 15.08
C LEU B 54 16.59 -4.92 16.46
N PRO B 55 17.92 -4.83 16.56
CA PRO B 55 18.58 -5.21 17.82
C PRO B 55 18.33 -4.27 19.00
N ASP B 56 18.04 -3.00 18.76
CA ASP B 56 18.02 -2.06 19.90
C ASP B 56 16.62 -1.63 20.34
N GLU B 57 15.73 -1.54 19.39
CA GLU B 57 14.38 -1.05 19.65
C GLU B 57 13.56 -1.67 18.55
N ASP B 58 12.40 -2.19 18.90
CA ASP B 58 11.53 -2.76 17.89
C ASP B 58 11.14 -1.71 16.86
N GLY B 59 11.18 -2.07 15.59
CA GLY B 59 10.83 -1.14 14.52
C GLY B 59 9.43 -0.55 14.67
N LEU B 60 8.50 -1.32 15.21
CA LEU B 60 7.14 -0.83 15.38
C LEU B 60 7.11 0.27 16.44
N HIS B 61 7.87 0.08 17.52
CA HIS B 61 8.01 1.10 18.55
C HIS B 61 8.67 2.37 17.97
N PHE B 62 9.70 2.18 17.17
CA PHE B 62 10.39 3.30 16.55
C PHE B 62 9.44 4.07 15.61
N LEU B 63 8.62 3.34 14.86
CA LEU B 63 7.66 3.98 13.96
C LEU B 63 6.68 4.82 14.76
N SER B 64 6.23 4.29 15.89
CA SER B 64 5.32 5.03 16.76
C SER B 64 5.96 6.35 17.18
N ARG B 65 7.24 6.30 17.53
CA ARG B 65 7.94 7.50 17.91
C ARG B 65 8.08 8.49 16.77
N MET B 66 8.39 7.98 15.58
CA MET B 66 8.50 8.85 14.42
C MET B 66 7.19 9.60 14.15
N ARG B 67 6.08 8.89 14.23
CA ARG B 67 4.80 9.52 13.94
C ARG B 67 4.41 10.50 15.03
N ARG B 68 4.76 10.19 16.28
CA ARG B 68 4.51 11.11 17.39
C ARG B 68 5.31 12.41 17.23
N GLU B 69 6.47 12.31 16.61
CA GLU B 69 7.28 13.50 16.31
C GLU B 69 6.81 14.21 15.04
N LYS B 70 5.65 13.81 14.54
CA LYS B 70 5.00 14.44 13.39
C LYS B 70 5.78 14.29 12.10
N MET B 71 6.56 13.23 12.01
CA MET B 71 7.25 12.93 10.77
C MET B 71 6.23 12.36 9.79
N THR B 72 6.23 12.86 8.57
CA THR B 72 5.17 12.55 7.62
C THR B 72 5.64 11.78 6.39
N GLN B 73 6.91 11.39 6.36
CA GLN B 73 7.45 10.61 5.26
C GLN B 73 6.67 9.31 5.09
N PRO B 74 6.44 8.90 3.83
CA PRO B 74 5.90 7.56 3.59
C PRO B 74 6.82 6.52 4.21
N VAL B 75 6.24 5.55 4.90
CA VAL B 75 6.98 4.44 5.50
C VAL B 75 6.45 3.13 4.96
N LEU B 76 7.34 2.31 4.42
CA LEU B 76 6.95 0.97 4.00
C LEU B 76 7.62 0.00 4.96
N ILE B 77 6.81 -0.78 5.68
CA ILE B 77 7.35 -1.80 6.56
C ILE B 77 7.69 -3.03 5.73
N LEU B 78 8.88 -3.58 5.97
CA LEU B 78 9.40 -4.69 5.18
C LEU B 78 9.94 -5.70 6.19
N THR B 79 9.22 -6.79 6.41
CA THR B 79 9.45 -7.56 7.64
C THR B 79 9.09 -9.04 7.54
N ALA B 80 9.80 -9.85 8.32
CA ALA B 80 9.45 -11.26 8.48
C ALA B 80 8.21 -11.48 9.35
N ARG B 81 7.76 -10.43 10.05
CA ARG B 81 6.56 -10.57 10.88
C ARG B 81 5.32 -10.61 10.01
N ASP B 82 4.75 -11.81 9.85
CA ASP B 82 3.80 -12.05 8.79
C ASP B 82 2.34 -12.30 9.19
N THR B 83 2.03 -12.27 10.48
CA THR B 83 0.66 -12.56 10.91
C THR B 83 -0.31 -11.44 10.53
N LEU B 84 -1.59 -11.78 10.46
CA LEU B 84 -2.62 -10.78 10.17
C LEU B 84 -2.56 -9.66 11.19
N GLU B 85 -2.43 -10.03 12.46
CA GLU B 85 -2.32 -9.08 13.55
C GLU B 85 -1.12 -8.15 13.35
N ASP B 86 0.01 -8.71 12.94
CA ASP B 86 1.20 -7.89 12.65
C ASP B 86 0.96 -6.86 11.55
N ARG B 87 0.32 -7.28 10.46
CA ARG B 87 0.08 -6.39 9.33
C ARG B 87 -0.83 -5.24 9.76
N ILE B 88 -1.92 -5.57 10.45
CA ILE B 88 -2.87 -4.54 10.87
C ILE B 88 -2.22 -3.56 11.84
N SER B 89 -1.46 -4.07 12.80
CA SER B 89 -0.83 -3.19 13.78
C SER B 89 0.22 -2.28 13.11
N GLY B 90 0.94 -2.81 12.14
CA GLY B 90 1.91 -2.01 11.41
C GLY B 90 1.26 -0.85 10.69
N LEU B 91 0.20 -1.12 9.96
CA LEU B 91 -0.53 -0.08 9.25
C LEU B 91 -1.14 0.95 10.22
N ASP B 92 -1.81 0.46 11.26
CA ASP B 92 -2.47 1.35 12.20
C ASP B 92 -1.48 2.19 13.03
N THR B 93 -0.26 1.69 13.19
CA THR B 93 0.81 2.46 13.86
C THR B 93 1.29 3.60 12.98
N GLY B 94 1.00 3.55 11.68
CA GLY B 94 1.35 4.68 10.85
C GLY B 94 2.12 4.33 9.60
N ALA B 95 2.26 3.04 9.30
CA ALA B 95 2.93 2.66 8.06
C ALA B 95 1.98 2.83 6.88
N ASP B 96 2.54 3.16 5.72
CA ASP B 96 1.73 3.37 4.52
C ASP B 96 1.56 2.10 3.70
N ASP B 97 2.48 1.16 3.88
CA ASP B 97 2.37 -0.15 3.25
C ASP B 97 3.14 -1.13 4.13
N TYR B 98 2.91 -2.42 3.90
CA TYR B 98 3.46 -3.45 4.76
C TYR B 98 3.70 -4.65 3.85
N LEU B 99 4.97 -5.01 3.64
CA LEU B 99 5.31 -6.06 2.70
C LEU B 99 6.10 -7.13 3.47
N VAL B 100 5.60 -8.36 3.42
CA VAL B 100 6.16 -9.46 4.20
C VAL B 100 7.32 -10.15 3.48
N LYS B 101 8.35 -10.54 4.24
CA LYS B 101 9.44 -11.38 3.72
C LYS B 101 9.03 -12.84 3.71
N PRO B 102 9.48 -13.61 2.68
CA PRO B 102 10.26 -13.16 1.53
C PRO B 102 9.40 -12.44 0.50
N PHE B 103 10.02 -11.51 -0.23
CA PHE B 103 9.32 -10.70 -1.22
C PHE B 103 10.22 -10.51 -2.43
N ALA B 104 9.60 -10.19 -3.55
CA ALA B 104 10.35 -9.92 -4.78
C ALA B 104 10.80 -8.47 -4.81
N LEU B 105 12.05 -8.27 -5.21
CA LEU B 105 12.62 -6.93 -5.31
C LEU B 105 11.77 -6.03 -6.19
N GLU B 106 11.27 -6.57 -7.30
CA GLU B 106 10.52 -5.74 -8.21
C GLU B 106 9.16 -5.32 -7.65
N GLU B 107 8.60 -6.10 -6.74
CA GLU B 107 7.38 -5.64 -6.06
C GLU B 107 7.68 -4.53 -5.07
N LEU B 108 8.79 -4.65 -4.35
CA LEU B 108 9.23 -3.56 -3.48
C LEU B 108 9.39 -2.29 -4.30
N ASN B 109 10.05 -2.39 -5.45
CA ASN B 109 10.25 -1.23 -6.31
C ASN B 109 8.92 -0.61 -6.74
N ALA B 110 7.96 -1.45 -7.11
CA ALA B 110 6.68 -0.95 -7.60
C ALA B 110 5.90 -0.29 -6.48
N ARG B 111 5.99 -0.85 -5.28
CA ARG B 111 5.29 -0.27 -4.14
C ARG B 111 5.91 1.05 -3.70
N ILE B 112 7.23 1.15 -3.80
CA ILE B 112 7.90 2.41 -3.53
C ILE B 112 7.49 3.47 -4.57
N ARG B 113 7.43 3.07 -5.84
CA ARG B 113 6.95 4.00 -6.87
C ARG B 113 5.54 4.49 -6.57
N ALA B 114 4.66 3.58 -6.15
CA ALA B 114 3.29 3.93 -5.83
C ALA B 114 3.23 4.91 -4.67
N LEU B 115 4.03 4.66 -3.64
CA LEU B 115 4.03 5.53 -2.46
C LEU B 115 4.52 6.92 -2.81
N LEU B 116 5.49 6.99 -3.70
CA LEU B 116 6.13 8.27 -4.03
C LEU B 116 5.30 9.14 -4.96
N ARG B 117 4.61 8.55 -5.92
CA ARG B 117 3.87 9.38 -6.86
C ARG B 117 2.60 9.93 -6.19
N ARG B 118 2.25 9.32 -5.06
CA ARG B 118 1.18 9.83 -4.22
C ARG B 118 1.68 10.95 -3.30
#